data_5UAN
#
_entry.id   5UAN
#
_cell.length_a   52.470
_cell.length_b   77.403
_cell.length_c   112.113
_cell.angle_alpha   90.000
_cell.angle_beta   90.370
_cell.angle_gamma   90.000
#
_symmetry.space_group_name_H-M   'P 1 21 1'
#
loop_
_entity.id
_entity.type
_entity.pdbx_description
1 polymer 'Retinoic acid receptor RXR-alpha'
2 polymer 'Retinoic acid receptor beta'
3 polymer 'Nuclear receptor coactivator 2'
4 polymer "DNA (5'-D(*CP*TP*AP*GP*GP*TP*CP*AP*AP*AP*GP*GP*TP*CP*AP*GP*C)-3')"
5 polymer "DNA (5'-D(*GP*CP*TP*GP*AP*CP*CP*TP*TP*TP*GP*AP*CP*CP*TP*AP*G)-3')"
6 non-polymer 'ZINC ION'
7 non-polymer '(9cis)-retinoic acid'
8 non-polymer 'RETINOIC ACID'
#
loop_
_entity_poly.entity_id
_entity_poly.type
_entity_poly.pdbx_seq_one_letter_code
_entity_poly.pdbx_strand_id
1 'polypeptide(L)'
;MNPVSSSEDIKPPLGLNGVLKVPAHPSGNMASFTKHICAICGDRSSGKHYGVYSCEGCKGFFKRTVRKDLTYTCRDNKDC
LIDKRQRNRCQYCRYQKCLAMGMKREAVQEERQRGKDRNENEVESTSSANEDMPVERILEAELAVEPKTETYVEANMGLN
PSSPNDPVTNICQAADKQLFTLVEWAKRIPHFSELPLDDQVILLRAGWNELLIASFSHRSIAVKDGILLATGLHVHRNSA
HSAGVGAIFDRVLTELVSKMRDMQMDKTELGCLRAIVLFNPDSKGLSNPAEVEALREKVYASLEAYCKHKYPEQPGRFAK
LLLRLPALRSIGLKCLEHLFFFKLIGDTPIDTFLMEMLEAPHQMT
;
A
2 'polypeptide(L)'
;MGSSHHHHHHSSGLVPRGSHMPPPRVYKPCFVCQDKSSGYHYGVSACEGCKGFFRRSIQKNMIYTCHRDKNCVINKVTRN
RCQYCRLQKCFEVGMSKESVRNDRNKKKKETSKQECTESYEMTAELDDLTEKIRKAHQETFPSLCQLGKYTTNSSADHRV
RLDLGLWDKFSELATKCIIKIVEFAKRLPGFTGLTIADQITLLKAACLDILILRICTRYTPEQDTMTFSDGLTLNRTQMH
NAGFGPLTDLVFTFANQLLPLEMDDTETGLLSAICLICGDRQDLEEPTKVDKLQEPLLEALKIYIRKRRPSKPHMFPKIL
MKITDLRSISAKGAERVITLKMEIPGSMPPLIQEMLENSEGHEPLTPSSSGNTAEHSPSISPSSVENSGVSQSPLVQ
;
B
3 'polypeptide(L)' HKILHRLLQD C,D
4 'polydeoxyribonucleotide' (DC)(DT)(DA)(DG)(DG)(DT)(DC)(DA)(DA)(DA)(DG)(DG)(DT)(DC)(DA)(DG)(DC) E
5 'polydeoxyribonucleotide' (DG)(DC)(DT)(DG)(DA)(DC)(DC)(DT)(DT)(DT)(DG)(DA)(DC)(DC)(DT)(DA)(DG) F
#
# COMPACT_ATOMS: atom_id res chain seq x y z
N HIS A 36 -22.52 39.21 -15.50
CA HIS A 36 -21.76 37.96 -15.49
C HIS A 36 -22.52 36.85 -16.22
N ILE A 37 -22.58 36.96 -17.54
CA ILE A 37 -23.30 36.02 -18.39
C ILE A 37 -22.45 35.74 -19.63
N CYS A 38 -22.46 34.48 -20.07
CA CYS A 38 -21.73 34.11 -21.28
C CYS A 38 -22.17 34.94 -22.47
N ALA A 39 -21.20 35.53 -23.16
CA ALA A 39 -21.48 36.38 -24.31
C ALA A 39 -21.72 35.59 -25.59
N ILE A 40 -21.62 34.26 -25.53
CA ILE A 40 -21.83 33.41 -26.71
C ILE A 40 -23.21 32.78 -26.69
N CYS A 41 -23.58 32.12 -25.59
CA CYS A 41 -24.85 31.41 -25.49
C CYS A 41 -25.66 31.81 -24.27
N GLY A 42 -25.24 32.83 -23.52
CA GLY A 42 -26.01 33.29 -22.38
C GLY A 42 -25.96 32.41 -21.16
N ASP A 43 -25.08 31.42 -21.12
CA ASP A 43 -24.95 30.56 -19.96
C ASP A 43 -24.24 31.30 -18.82
N ARG A 44 -24.29 30.71 -17.63
CA ARG A 44 -23.58 31.28 -16.49
C ARG A 44 -22.08 31.22 -16.73
N SER A 45 -21.38 32.24 -16.24
CA SER A 45 -19.95 32.40 -16.49
C SER A 45 -19.23 32.72 -15.19
N SER A 46 -18.03 32.16 -15.03
CA SER A 46 -17.20 32.45 -13.87
C SER A 46 -16.16 33.52 -14.16
N GLY A 47 -15.86 33.80 -15.41
CA GLY A 47 -14.89 34.82 -15.76
C GLY A 47 -14.67 34.86 -17.26
N LYS A 48 -13.61 35.56 -17.64
CA LYS A 48 -13.26 35.71 -19.06
C LYS A 48 -12.35 34.57 -19.50
N HIS A 49 -12.61 34.04 -20.69
CA HIS A 49 -11.78 33.04 -21.32
C HIS A 49 -11.48 33.48 -22.74
N TYR A 50 -10.20 33.36 -23.13
CA TYR A 50 -9.73 33.70 -24.47
C TYR A 50 -10.15 35.12 -24.88
N GLY A 51 -10.43 35.99 -23.91
CA GLY A 51 -10.76 37.37 -24.16
C GLY A 51 -12.22 37.73 -23.98
N VAL A 52 -13.13 36.76 -23.85
CA VAL A 52 -14.56 37.03 -23.79
C VAL A 52 -15.17 36.32 -22.58
N TYR A 53 -16.15 36.98 -21.96
CA TYR A 53 -17.05 36.30 -21.04
C TYR A 53 -17.66 35.09 -21.73
N SER A 54 -17.56 33.92 -21.09
CA SER A 54 -18.07 32.70 -21.70
C SER A 54 -18.26 31.64 -20.62
N CYS A 55 -18.88 30.53 -21.03
CA CYS A 55 -19.11 29.39 -20.17
C CYS A 55 -18.10 28.30 -20.48
N GLU A 56 -18.21 27.16 -19.77
CA GLU A 56 -17.26 26.07 -19.97
C GLU A 56 -17.48 25.36 -21.30
N GLY A 57 -18.73 25.27 -21.75
CA GLY A 57 -18.99 24.60 -23.01
C GLY A 57 -18.36 25.30 -24.19
N CYS A 58 -18.59 26.62 -24.31
CA CYS A 58 -17.95 27.38 -25.37
C CYS A 58 -16.44 27.37 -25.22
N LYS A 59 -15.94 27.28 -23.99
CA LYS A 59 -14.50 27.24 -23.76
C LYS A 59 -13.90 25.97 -24.34
N GLY A 60 -14.44 24.81 -23.96
CA GLY A 60 -13.92 23.55 -24.50
C GLY A 60 -14.13 23.43 -25.99
N PHE A 61 -15.28 23.91 -26.48
CA PHE A 61 -15.55 23.88 -27.92
C PHE A 61 -14.51 24.69 -28.68
N PHE A 62 -14.25 25.92 -28.22
CA PHE A 62 -13.26 26.76 -28.90
C PHE A 62 -11.87 26.17 -28.80
N LYS A 63 -11.50 25.62 -27.64
CA LYS A 63 -10.16 25.07 -27.47
C LYS A 63 -9.95 23.87 -28.39
N ARG A 64 -10.86 22.91 -28.37
CA ARG A 64 -10.72 21.75 -29.23
C ARG A 64 -10.76 22.13 -30.71
N THR A 65 -11.60 23.11 -31.05
CA THR A 65 -11.69 23.55 -32.45
C THR A 65 -10.38 24.17 -32.91
N VAL A 66 -9.73 24.96 -32.04
CA VAL A 66 -8.45 25.56 -32.41
C VAL A 66 -7.34 24.51 -32.47
N ARG A 67 -7.37 23.55 -31.53
CA ARG A 67 -6.32 22.53 -31.49
C ARG A 67 -6.38 21.63 -32.71
N LYS A 68 -7.57 21.14 -33.06
CA LYS A 68 -7.71 20.21 -34.17
C LYS A 68 -8.02 20.90 -35.49
N ASP A 69 -8.11 22.22 -35.50
CA ASP A 69 -8.34 23.00 -36.72
C ASP A 69 -9.59 22.54 -37.48
N CYS A 80 -28.19 31.08 -37.18
CA CYS A 80 -28.59 30.08 -36.20
C CYS A 80 -28.40 30.61 -34.78
N LEU A 81 -29.52 30.82 -34.07
CA LEU A 81 -29.48 31.33 -32.71
C LEU A 81 -28.62 30.44 -31.83
N ILE A 82 -27.82 31.08 -30.97
CA ILE A 82 -26.89 30.38 -30.10
C ILE A 82 -27.20 30.78 -28.66
N ASP A 83 -27.96 29.93 -27.96
CA ASP A 83 -28.15 30.04 -26.52
C ASP A 83 -27.88 28.67 -25.90
N LYS A 84 -27.95 28.59 -24.57
CA LYS A 84 -27.68 27.34 -23.89
C LYS A 84 -28.64 26.25 -24.33
N ARG A 85 -29.84 26.62 -24.76
CA ARG A 85 -30.83 25.63 -25.19
C ARG A 85 -30.48 25.02 -26.53
N GLN A 86 -29.71 25.72 -27.36
CA GLN A 86 -29.50 25.25 -28.73
C GLN A 86 -28.08 25.53 -29.25
N ARG A 87 -27.09 25.64 -28.37
CA ARG A 87 -25.73 25.93 -28.83
C ARG A 87 -25.12 24.77 -29.59
N ASN A 88 -25.66 23.56 -29.46
CA ASN A 88 -25.11 22.39 -30.12
C ASN A 88 -25.81 22.17 -31.45
N CYS A 90 -24.09 22.95 -36.43
CA CYS A 90 -23.51 24.11 -37.14
C CYS A 90 -22.25 24.57 -36.39
N GLN A 91 -21.10 24.33 -37.01
CA GLN A 91 -19.82 24.71 -36.41
C GLN A 91 -19.58 26.18 -36.75
N TYR A 92 -20.21 26.65 -37.81
CA TYR A 92 -20.07 28.04 -38.24
C TYR A 92 -20.56 29.01 -37.17
N CYS A 93 -21.88 29.06 -36.97
CA CYS A 93 -22.48 29.94 -35.98
C CYS A 93 -21.72 29.87 -34.65
N ARG A 94 -21.78 28.72 -34.00
CA ARG A 94 -21.10 28.52 -32.72
C ARG A 94 -19.68 29.07 -32.77
N TYR A 95 -18.88 28.56 -33.69
CA TYR A 95 -17.49 29.00 -33.83
C TYR A 95 -17.41 30.43 -34.35
N GLN A 96 -18.30 30.77 -35.27
CA GLN A 96 -18.34 32.11 -35.84
C GLN A 96 -18.76 33.15 -34.81
N LYS A 97 -19.65 32.79 -33.89
CA LYS A 97 -20.03 33.71 -32.82
C LYS A 97 -18.91 33.84 -31.79
N CYS A 98 -18.16 32.75 -31.55
CA CYS A 98 -17.01 32.84 -30.66
C CYS A 98 -15.97 33.81 -31.21
N LEU A 99 -15.65 33.69 -32.49
CA LEU A 99 -14.71 34.63 -33.11
C LEU A 99 -15.29 36.04 -33.18
N ALA A 100 -16.61 36.16 -33.38
CA ALA A 100 -17.23 37.47 -33.52
C ALA A 100 -17.23 38.24 -32.19
N MET A 101 -17.46 37.54 -31.09
CA MET A 101 -17.47 38.21 -29.80
C MET A 101 -16.07 38.55 -29.31
N GLY A 102 -15.03 37.95 -29.89
CA GLY A 102 -13.66 38.36 -29.62
C GLY A 102 -12.72 37.30 -29.10
N MET A 103 -13.10 36.02 -29.24
CA MET A 103 -12.22 34.96 -28.79
C MET A 103 -10.97 34.91 -29.67
N LYS A 104 -9.82 34.70 -29.04
CA LYS A 104 -8.53 34.76 -29.69
C LYS A 104 -7.98 33.36 -29.85
N ARG A 105 -7.67 32.98 -31.10
CA ARG A 105 -7.09 31.66 -31.36
C ARG A 105 -5.65 31.57 -30.86
N GLU A 106 -4.94 32.70 -30.82
CA GLU A 106 -3.57 32.69 -30.32
C GLU A 106 -3.50 32.52 -28.81
N ALA A 107 -4.61 32.69 -28.10
CA ALA A 107 -4.61 32.49 -26.66
C ALA A 107 -4.57 31.01 -26.28
N VAL A 108 -4.92 30.12 -27.21
CA VAL A 108 -4.86 28.69 -26.94
C VAL A 108 -3.41 28.23 -26.89
N GLN A 109 -3.05 27.53 -25.82
CA GLN A 109 -1.69 27.08 -25.63
C GLN A 109 -1.46 25.76 -26.36
N GLU A 110 -0.24 25.22 -26.24
CA GLU A 110 0.14 23.99 -26.93
C GLU A 110 -0.47 22.78 -26.25
N GLU A 111 0.06 21.60 -26.55
CA GLU A 111 -0.43 20.35 -25.97
C GLU A 111 0.39 20.03 -24.72
N ARG A 112 -0.30 19.83 -23.60
CA ARG A 112 0.37 19.62 -22.32
C ARG A 112 0.24 18.17 -21.85
N ALA A 129 -14.41 -2.94 -14.84
CA ALA A 129 -15.15 -2.31 -15.93
C ALA A 129 -14.18 -1.78 -17.00
N ASN A 130 -12.90 -2.10 -16.86
CA ASN A 130 -11.91 -1.65 -17.82
C ASN A 130 -11.99 -2.50 -19.10
N GLU A 131 -10.87 -2.60 -19.83
CA GLU A 131 -10.92 -3.34 -21.10
C GLU A 131 -9.69 -4.20 -21.35
N ASP A 132 -8.86 -4.44 -20.34
CA ASP A 132 -7.84 -5.49 -20.41
C ASP A 132 -7.85 -6.43 -19.21
N MET A 133 -8.35 -6.00 -18.05
CA MET A 133 -8.65 -6.88 -16.92
C MET A 133 -10.07 -6.59 -16.45
N PRO A 134 -11.06 -6.74 -17.32
CA PRO A 134 -12.42 -6.36 -16.93
C PRO A 134 -12.96 -7.30 -15.87
N VAL A 135 -13.83 -6.76 -15.00
CA VAL A 135 -14.47 -7.54 -13.95
C VAL A 135 -15.32 -8.60 -14.66
N GLU A 136 -15.50 -8.44 -15.97
CA GLU A 136 -16.26 -9.41 -16.74
C GLU A 136 -15.71 -10.86 -16.60
N ARG A 137 -14.40 -11.01 -16.79
CA ARG A 137 -13.76 -12.30 -16.62
C ARG A 137 -13.75 -12.90 -15.21
N ILE A 138 -13.74 -12.04 -14.19
CA ILE A 138 -13.80 -12.52 -12.82
C ILE A 138 -15.19 -13.05 -12.48
N LEU A 139 -16.23 -12.29 -12.86
CA LEU A 139 -17.61 -12.79 -12.80
C LEU A 139 -17.72 -14.18 -13.40
N GLU A 140 -17.14 -14.36 -14.59
CA GLU A 140 -17.18 -15.66 -15.26
C GLU A 140 -16.36 -16.70 -14.51
N ALA A 141 -15.26 -16.28 -13.88
CA ALA A 141 -14.39 -17.23 -13.20
C ALA A 141 -15.06 -17.84 -11.98
N GLU A 142 -15.51 -16.98 -11.05
CA GLU A 142 -16.08 -17.49 -9.80
C GLU A 142 -17.30 -18.37 -10.04
N LEU A 143 -18.04 -18.11 -11.12
CA LEU A 143 -19.12 -19.03 -11.49
C LEU A 143 -18.57 -20.31 -12.10
N ALA A 144 -17.55 -20.19 -12.95
CA ALA A 144 -17.02 -21.36 -13.65
C ALA A 144 -16.56 -22.52 -12.78
N VAL A 145 -15.88 -22.23 -11.67
CA VAL A 145 -15.45 -23.28 -10.77
C VAL A 145 -16.39 -23.54 -9.58
N GLU A 146 -16.86 -22.44 -8.97
CA GLU A 146 -17.68 -22.53 -7.77
C GLU A 146 -19.15 -22.63 -8.19
N PRO A 167 -12.36 -33.66 10.98
CA PRO A 167 -11.87 -32.30 11.24
C PRO A 167 -10.68 -31.93 10.37
N VAL A 168 -9.48 -32.37 10.75
CA VAL A 168 -8.28 -32.02 9.99
C VAL A 168 -8.26 -32.77 8.67
N THR A 169 -8.53 -34.08 8.71
CA THR A 169 -8.48 -34.89 7.49
C THR A 169 -9.55 -34.49 6.50
N ASN A 170 -10.72 -34.07 6.99
CA ASN A 170 -11.78 -33.62 6.08
C ASN A 170 -11.42 -32.30 5.41
N ILE A 171 -10.74 -31.41 6.13
CA ILE A 171 -10.34 -30.13 5.55
C ILE A 171 -9.18 -30.32 4.57
N CYS A 172 -8.28 -31.26 4.85
CA CYS A 172 -7.28 -31.63 3.84
C CYS A 172 -7.94 -32.24 2.62
N GLN A 173 -8.98 -33.06 2.83
CA GLN A 173 -9.77 -33.59 1.72
C GLN A 173 -10.30 -32.46 0.85
N ALA A 174 -11.06 -31.54 1.46
CA ALA A 174 -11.66 -30.45 0.70
C ALA A 174 -10.59 -29.57 0.05
N ALA A 175 -9.43 -29.45 0.68
CA ALA A 175 -8.32 -28.70 0.07
C ALA A 175 -7.85 -29.40 -1.19
N ASP A 176 -7.71 -30.72 -1.16
CA ASP A 176 -7.27 -31.45 -2.35
C ASP A 176 -8.33 -31.40 -3.45
N LYS A 177 -9.60 -31.58 -3.09
CA LYS A 177 -10.67 -31.46 -4.07
C LYS A 177 -10.68 -30.08 -4.70
N GLN A 178 -10.41 -29.04 -3.90
CA GLN A 178 -10.47 -27.68 -4.41
C GLN A 178 -9.24 -27.32 -5.22
N LEU A 179 -8.11 -27.99 -4.99
CA LEU A 179 -6.88 -27.60 -5.68
C LEU A 179 -6.99 -27.81 -7.19
N PHE A 180 -7.62 -28.91 -7.61
CA PHE A 180 -7.88 -29.10 -9.03
C PHE A 180 -8.67 -27.92 -9.60
N THR A 181 -9.75 -27.54 -8.92
CA THR A 181 -10.58 -26.43 -9.37
C THR A 181 -9.85 -25.10 -9.30
N LEU A 182 -8.78 -25.01 -8.50
CA LEU A 182 -7.97 -23.81 -8.49
C LEU A 182 -7.07 -23.76 -9.71
N VAL A 183 -6.50 -24.91 -10.07
CA VAL A 183 -5.79 -25.03 -11.33
C VAL A 183 -6.69 -24.67 -12.50
N GLU A 184 -7.97 -25.05 -12.42
CA GLU A 184 -8.92 -24.67 -13.47
C GLU A 184 -9.23 -23.18 -13.41
N TRP A 185 -9.31 -22.60 -12.21
CA TRP A 185 -9.63 -21.19 -12.04
C TRP A 185 -8.49 -20.29 -12.51
N ALA A 186 -7.26 -20.82 -12.57
CA ALA A 186 -6.15 -20.06 -13.13
C ALA A 186 -6.36 -19.78 -14.62
N LYS A 187 -6.82 -20.78 -15.37
CA LYS A 187 -6.93 -20.67 -16.82
C LYS A 187 -8.06 -19.76 -17.29
N ARG A 188 -8.78 -19.11 -16.39
CA ARG A 188 -9.89 -18.22 -16.77
C ARG A 188 -9.58 -16.76 -16.52
N ILE A 189 -8.43 -16.44 -15.92
CA ILE A 189 -7.98 -15.06 -15.76
C ILE A 189 -7.42 -14.59 -17.09
N PRO A 190 -7.77 -13.39 -17.56
CA PRO A 190 -7.46 -13.00 -18.96
C PRO A 190 -6.07 -13.33 -19.45
N HIS A 191 -5.02 -12.95 -18.72
CA HIS A 191 -3.66 -13.09 -19.18
C HIS A 191 -2.88 -14.18 -18.45
N PHE A 192 -3.56 -15.03 -17.67
CA PHE A 192 -2.85 -16.09 -16.99
C PHE A 192 -2.34 -17.15 -17.96
N SER A 193 -3.05 -17.37 -19.07
CA SER A 193 -2.66 -18.41 -20.02
C SER A 193 -1.41 -18.01 -20.79
N GLU A 194 -1.28 -16.73 -21.15
CA GLU A 194 -0.18 -16.31 -22.02
C GLU A 194 1.16 -16.26 -21.29
N LEU A 195 1.15 -16.29 -19.96
CA LEU A 195 2.40 -16.21 -19.23
C LEU A 195 3.18 -17.52 -19.35
N PRO A 196 4.51 -17.48 -19.08
CA PRO A 196 5.33 -18.70 -19.23
C PRO A 196 5.14 -20.02 -18.50
N LEU A 197 5.84 -21.06 -18.90
CA LEU A 197 5.63 -22.36 -18.25
C LEU A 197 5.95 -22.46 -16.76
N ASP A 198 7.11 -21.95 -16.36
CA ASP A 198 7.51 -21.97 -14.95
C ASP A 198 6.65 -21.04 -14.09
N ASP A 199 6.35 -19.89 -14.70
CA ASP A 199 5.60 -18.80 -14.10
C ASP A 199 4.23 -19.28 -13.61
N GLN A 200 3.53 -20.07 -14.43
CA GLN A 200 2.27 -20.67 -14.00
C GLN A 200 2.45 -21.45 -12.72
N VAL A 201 3.40 -22.40 -12.72
CA VAL A 201 3.51 -23.29 -11.57
C VAL A 201 3.93 -22.51 -10.32
N ILE A 202 4.83 -21.54 -10.49
CA ILE A 202 5.31 -20.77 -9.34
C ILE A 202 4.18 -19.91 -8.75
N LEU A 203 3.50 -19.14 -9.61
CA LEU A 203 2.40 -18.31 -9.13
C LEU A 203 1.33 -19.16 -8.45
N LEU A 204 1.01 -20.32 -9.03
CA LEU A 204 -0.09 -21.11 -8.50
C LEU A 204 0.28 -21.76 -7.16
N ARG A 205 1.44 -22.40 -7.07
CA ARG A 205 1.81 -23.03 -5.82
C ARG A 205 2.54 -22.09 -4.87
N ALA A 206 2.52 -20.78 -5.14
CA ALA A 206 3.07 -19.80 -4.22
C ALA A 206 2.02 -19.29 -3.24
N GLY A 207 0.79 -19.06 -3.69
CA GLY A 207 -0.27 -18.58 -2.82
C GLY A 207 -1.55 -19.38 -2.93
N TRP A 208 -1.41 -20.70 -3.08
CA TRP A 208 -2.59 -21.55 -3.20
C TRP A 208 -3.40 -21.56 -1.91
N ASN A 209 -2.72 -21.61 -0.76
CA ASN A 209 -3.43 -21.69 0.51
C ASN A 209 -4.26 -20.44 0.76
N GLU A 210 -3.72 -19.26 0.45
CA GLU A 210 -4.50 -18.04 0.58
C GLU A 210 -5.66 -18.01 -0.40
N LEU A 211 -5.48 -18.58 -1.59
CA LEU A 211 -6.56 -18.65 -2.57
C LEU A 211 -7.73 -19.48 -2.03
N LEU A 212 -7.46 -20.71 -1.60
CA LEU A 212 -8.54 -21.57 -1.13
C LEU A 212 -9.12 -21.07 0.19
N ILE A 213 -8.28 -20.51 1.06
CA ILE A 213 -8.77 -19.92 2.31
C ILE A 213 -9.73 -18.78 2.01
N ALA A 214 -9.40 -17.94 1.01
CA ALA A 214 -10.35 -16.94 0.58
C ALA A 214 -11.61 -17.57 0.02
N SER A 215 -11.47 -18.69 -0.70
CA SER A 215 -12.63 -19.37 -1.28
C SER A 215 -13.63 -19.76 -0.21
N PHE A 216 -13.23 -20.61 0.73
CA PHE A 216 -14.21 -21.06 1.72
C PHE A 216 -14.52 -19.99 2.76
N SER A 217 -13.63 -19.02 2.96
CA SER A 217 -13.96 -17.90 3.83
C SER A 217 -15.13 -17.10 3.26
N HIS A 218 -15.13 -16.89 1.93
CA HIS A 218 -16.28 -16.24 1.32
C HIS A 218 -17.47 -17.19 1.22
N ARG A 219 -17.21 -18.50 1.18
CA ARG A 219 -18.29 -19.48 1.12
C ARG A 219 -18.98 -19.66 2.46
N SER A 220 -18.40 -19.17 3.56
CA SER A 220 -18.93 -19.41 4.89
C SER A 220 -19.67 -18.19 5.44
N ILE A 221 -20.22 -17.34 4.57
CA ILE A 221 -20.89 -16.13 5.03
C ILE A 221 -22.20 -16.46 5.72
N ALA A 222 -22.94 -17.44 5.19
CA ALA A 222 -24.26 -17.77 5.73
C ALA A 222 -24.17 -18.32 7.15
N VAL A 223 -23.48 -19.45 7.31
CA VAL A 223 -23.36 -20.05 8.64
C VAL A 223 -22.57 -19.12 9.55
N LYS A 224 -22.84 -19.21 10.86
CA LYS A 224 -22.34 -18.21 11.82
C LYS A 224 -20.94 -18.57 12.30
N ASP A 225 -20.84 -19.57 13.18
CA ASP A 225 -19.57 -19.91 13.82
C ASP A 225 -18.90 -21.12 13.17
N GLY A 226 -19.24 -21.45 11.93
CA GLY A 226 -18.62 -22.58 11.26
C GLY A 226 -18.28 -22.23 9.83
N ILE A 227 -17.66 -23.20 9.15
CA ILE A 227 -17.31 -23.07 7.73
C ILE A 227 -17.93 -24.20 6.94
N LEU A 228 -18.09 -23.97 5.64
CA LEU A 228 -18.60 -24.95 4.70
C LEU A 228 -17.50 -25.35 3.72
N LEU A 229 -17.25 -26.65 3.59
CA LEU A 229 -16.21 -27.13 2.71
C LEU A 229 -16.75 -27.33 1.30
N ALA A 230 -15.89 -27.78 0.39
CA ALA A 230 -16.31 -28.07 -0.97
C ALA A 230 -17.05 -29.39 -1.11
N THR A 231 -17.14 -30.18 -0.04
CA THR A 231 -17.85 -31.44 -0.05
C THR A 231 -19.10 -31.40 0.84
N GLY A 232 -19.65 -30.21 1.05
CA GLY A 232 -20.85 -30.07 1.84
C GLY A 232 -20.70 -30.41 3.31
N LEU A 233 -19.53 -30.17 3.88
CA LEU A 233 -19.26 -30.50 5.27
C LEU A 233 -19.27 -29.23 6.11
N HIS A 234 -20.07 -29.24 7.18
CA HIS A 234 -20.10 -28.15 8.14
C HIS A 234 -19.08 -28.41 9.24
N VAL A 235 -18.19 -27.46 9.49
CA VAL A 235 -17.19 -27.69 10.53
C VAL A 235 -17.22 -26.54 11.52
N HIS A 236 -17.54 -26.83 12.78
CA HIS A 236 -17.57 -25.76 13.75
C HIS A 236 -17.62 -26.12 15.24
N ARG A 237 -17.31 -25.10 16.03
CA ARG A 237 -17.37 -25.08 17.50
C ARG A 237 -16.28 -25.99 18.08
N ASN A 238 -16.59 -26.77 19.12
CA ASN A 238 -15.57 -27.58 19.78
C ASN A 238 -15.10 -28.75 18.94
N SER A 239 -15.98 -29.28 18.08
CA SER A 239 -15.56 -30.28 17.10
C SER A 239 -14.49 -29.72 16.16
N ALA A 240 -14.67 -28.46 15.73
CA ALA A 240 -13.61 -27.80 14.95
C ALA A 240 -12.42 -27.46 15.83
N HIS A 241 -12.64 -27.33 17.13
CA HIS A 241 -11.62 -26.99 18.12
C HIS A 241 -11.02 -28.25 18.78
N SER A 242 -11.34 -29.44 18.27
CA SER A 242 -11.08 -30.66 19.03
C SER A 242 -9.59 -30.98 19.07
N ALA A 243 -8.93 -31.00 17.91
CA ALA A 243 -7.55 -31.47 17.78
C ALA A 243 -6.53 -30.35 17.89
N GLY A 244 -6.72 -29.42 18.82
CA GLY A 244 -5.79 -28.31 18.96
C GLY A 244 -5.67 -27.45 17.72
N VAL A 245 -6.79 -27.19 17.04
CA VAL A 245 -6.78 -26.46 15.77
C VAL A 245 -7.94 -25.46 15.80
N GLY A 246 -8.21 -24.91 16.98
CA GLY A 246 -9.31 -23.98 17.15
C GLY A 246 -8.93 -22.53 17.05
N ALA A 247 -7.70 -22.19 17.47
CA ALA A 247 -7.26 -20.80 17.40
C ALA A 247 -7.21 -20.30 15.97
N ILE A 248 -6.71 -21.12 15.05
CA ILE A 248 -6.64 -20.71 13.65
C ILE A 248 -8.04 -20.67 13.04
N PHE A 249 -8.90 -21.62 13.42
CA PHE A 249 -10.29 -21.62 12.96
C PHE A 249 -10.99 -20.34 13.37
N ASP A 250 -10.80 -19.90 14.62
CA ASP A 250 -11.39 -18.65 15.08
C ASP A 250 -10.72 -17.45 14.44
N ARG A 251 -9.45 -17.57 14.07
CA ARG A 251 -8.80 -16.50 13.31
C ARG A 251 -9.48 -16.30 11.96
N VAL A 252 -9.78 -17.41 11.26
CA VAL A 252 -10.48 -17.30 9.99
C VAL A 252 -11.89 -16.77 10.19
N LEU A 253 -12.59 -17.26 11.22
CA LEU A 253 -13.97 -16.86 11.43
C LEU A 253 -14.08 -15.38 11.81
N THR A 254 -13.12 -14.87 12.57
CA THR A 254 -13.20 -13.51 13.09
C THR A 254 -12.58 -12.49 12.13
N GLU A 255 -11.43 -12.81 11.55
CA GLU A 255 -10.70 -11.84 10.74
C GLU A 255 -11.05 -11.91 9.25
N LEU A 256 -11.73 -12.97 8.81
CA LEU A 256 -12.09 -13.11 7.40
C LEU A 256 -13.58 -13.29 7.21
N VAL A 257 -14.18 -14.35 7.74
CA VAL A 257 -15.58 -14.67 7.46
C VAL A 257 -16.50 -13.56 7.94
N SER A 258 -16.44 -13.25 9.24
CA SER A 258 -17.35 -12.26 9.81
C SER A 258 -17.15 -10.88 9.20
N LYS A 259 -15.92 -10.56 8.77
CA LYS A 259 -15.68 -9.28 8.13
C LYS A 259 -16.29 -9.23 6.74
N MET A 260 -16.06 -10.27 5.94
CA MET A 260 -16.67 -10.36 4.61
C MET A 260 -18.19 -10.29 4.71
N ARG A 261 -18.75 -10.91 5.75
CA ARG A 261 -20.20 -10.84 5.95
C ARG A 261 -20.64 -9.45 6.37
N ASP A 262 -19.86 -8.80 7.25
CA ASP A 262 -20.26 -7.49 7.76
C ASP A 262 -20.17 -6.40 6.70
N MET A 263 -19.28 -6.56 5.71
CA MET A 263 -19.17 -5.58 4.65
C MET A 263 -19.83 -6.05 3.34
N GLN A 264 -20.32 -7.28 3.29
CA GLN A 264 -21.04 -7.82 2.13
C GLN A 264 -20.20 -7.71 0.86
N MET A 265 -19.09 -8.43 0.86
CA MET A 265 -18.21 -8.49 -0.31
C MET A 265 -18.76 -9.27 -1.50
N ASP A 266 -18.91 -8.61 -2.63
CA ASP A 266 -19.33 -9.37 -3.83
C ASP A 266 -18.43 -10.47 -4.34
N LYS A 267 -18.92 -11.31 -5.26
CA LYS A 267 -18.16 -12.49 -5.67
C LYS A 267 -17.08 -11.83 -6.53
N THR A 268 -17.44 -10.78 -7.26
CA THR A 268 -16.48 -10.10 -8.12
C THR A 268 -15.29 -9.61 -7.33
N GLU A 269 -15.55 -8.89 -6.23
CA GLU A 269 -14.47 -8.40 -5.39
C GLU A 269 -13.63 -9.54 -4.82
N LEU A 270 -14.27 -10.67 -4.52
CA LEU A 270 -13.52 -11.85 -4.07
C LEU A 270 -12.55 -12.31 -5.13
N GLY A 271 -13.03 -12.46 -6.37
CA GLY A 271 -12.16 -12.90 -7.45
C GLY A 271 -11.08 -11.88 -7.80
N CYS A 272 -11.34 -10.59 -7.54
CA CYS A 272 -10.31 -9.58 -7.70
C CYS A 272 -9.22 -9.72 -6.64
N LEU A 273 -9.62 -9.88 -5.37
CA LEU A 273 -8.64 -10.09 -4.31
C LEU A 273 -7.81 -11.35 -4.57
N ARG A 274 -8.48 -12.44 -4.97
CA ARG A 274 -7.75 -13.66 -5.28
C ARG A 274 -6.92 -13.51 -6.54
N ALA A 275 -7.29 -12.58 -7.42
CA ALA A 275 -6.44 -12.29 -8.58
C ALA A 275 -5.20 -11.51 -8.18
N ILE A 276 -5.30 -10.69 -7.13
CA ILE A 276 -4.13 -10.00 -6.60
C ILE A 276 -3.21 -10.99 -5.89
N VAL A 277 -3.78 -11.84 -5.02
CA VAL A 277 -3.00 -12.89 -4.38
C VAL A 277 -2.36 -13.79 -5.44
N LEU A 278 -3.05 -13.97 -6.56
CA LEU A 278 -2.54 -14.82 -7.63
C LEU A 278 -1.35 -14.18 -8.33
N PHE A 279 -1.48 -12.92 -8.73
CA PHE A 279 -0.41 -12.19 -9.43
C PHE A 279 0.55 -11.59 -8.40
N ASN A 280 1.30 -12.47 -7.74
CA ASN A 280 2.26 -12.06 -6.72
C ASN A 280 3.63 -11.92 -7.37
N PRO A 281 4.16 -10.70 -7.54
CA PRO A 281 5.48 -10.55 -8.17
C PRO A 281 6.63 -10.85 -7.24
N ASP A 282 6.42 -10.86 -5.92
CA ASP A 282 7.48 -11.13 -4.97
C ASP A 282 7.74 -12.63 -4.78
N SER A 283 7.24 -13.48 -5.68
CA SER A 283 7.46 -14.90 -5.57
C SER A 283 8.84 -15.28 -6.10
N LYS A 284 9.38 -16.37 -5.57
CA LYS A 284 10.75 -16.76 -5.86
C LYS A 284 10.86 -17.43 -7.23
N GLY A 285 12.01 -17.23 -7.87
CA GLY A 285 12.29 -17.88 -9.13
C GLY A 285 11.44 -17.43 -10.29
N LEU A 286 10.75 -16.31 -10.16
CA LEU A 286 9.88 -15.86 -11.23
C LEU A 286 10.70 -15.38 -12.43
N SER A 287 10.39 -15.91 -13.61
CA SER A 287 11.02 -15.50 -14.85
C SER A 287 10.24 -14.31 -15.42
N ASN A 288 10.86 -13.13 -15.41
CA ASN A 288 10.24 -11.89 -15.84
C ASN A 288 8.97 -11.64 -15.04
N PRO A 289 9.10 -11.33 -13.74
CA PRO A 289 7.91 -11.07 -12.92
C PRO A 289 7.28 -9.71 -13.15
N ALA A 290 7.89 -8.87 -13.99
CA ALA A 290 7.34 -7.54 -14.23
C ALA A 290 5.96 -7.61 -14.88
N GLU A 291 5.75 -8.61 -15.76
CA GLU A 291 4.45 -8.78 -16.38
C GLU A 291 3.41 -9.23 -15.34
N VAL A 292 3.82 -10.10 -14.42
CA VAL A 292 2.93 -10.50 -13.33
C VAL A 292 2.51 -9.28 -12.53
N GLU A 293 3.49 -8.44 -12.14
CA GLU A 293 3.16 -7.25 -11.38
C GLU A 293 2.28 -6.30 -12.19
N ALA A 294 2.48 -6.24 -13.51
CA ALA A 294 1.66 -5.37 -14.35
C ALA A 294 0.21 -5.85 -14.39
N LEU A 295 0.00 -7.15 -14.54
CA LEU A 295 -1.34 -7.70 -14.45
C LEU A 295 -1.95 -7.40 -13.09
N ARG A 296 -1.15 -7.46 -12.03
CA ARG A 296 -1.64 -7.03 -10.72
C ARG A 296 -2.02 -5.56 -10.71
N GLU A 297 -1.31 -4.72 -11.46
CA GLU A 297 -1.70 -3.32 -11.59
C GLU A 297 -3.07 -3.19 -12.23
N LYS A 298 -3.28 -3.89 -13.34
CA LYS A 298 -4.57 -3.81 -14.02
C LYS A 298 -5.70 -4.39 -13.17
N VAL A 299 -5.40 -5.36 -12.31
CA VAL A 299 -6.40 -5.83 -11.36
C VAL A 299 -6.71 -4.76 -10.33
N TYR A 300 -5.68 -4.07 -9.83
CA TYR A 300 -5.90 -2.94 -8.93
C TYR A 300 -6.84 -1.92 -9.56
N ALA A 301 -6.51 -1.48 -10.78
CA ALA A 301 -7.28 -0.43 -11.42
C ALA A 301 -8.70 -0.87 -11.74
N SER A 302 -8.87 -2.09 -12.28
CA SER A 302 -10.19 -2.55 -12.65
C SER A 302 -11.07 -2.78 -11.43
N LEU A 303 -10.51 -3.36 -10.37
CA LEU A 303 -11.28 -3.53 -9.13
C LEU A 303 -11.65 -2.17 -8.54
N GLU A 304 -10.74 -1.20 -8.62
CA GLU A 304 -11.03 0.12 -8.07
C GLU A 304 -12.15 0.80 -8.84
N ALA A 305 -12.06 0.81 -10.17
CA ALA A 305 -13.13 1.40 -10.98
C ALA A 305 -14.45 0.66 -10.73
N TYR A 306 -14.38 -0.65 -10.52
CA TYR A 306 -15.58 -1.41 -10.20
C TYR A 306 -16.18 -0.94 -8.88
N CYS A 307 -15.33 -0.62 -7.90
CA CYS A 307 -15.84 -0.05 -6.65
C CYS A 307 -16.33 1.37 -6.84
N LYS A 308 -15.88 2.06 -7.88
CA LYS A 308 -16.43 3.38 -8.19
C LYS A 308 -17.83 3.26 -8.75
N HIS A 309 -18.07 2.29 -9.62
CA HIS A 309 -19.37 2.15 -10.26
C HIS A 309 -20.39 1.48 -9.33
N LYS A 310 -20.01 0.35 -8.73
CA LYS A 310 -20.97 -0.43 -7.97
C LYS A 310 -21.36 0.26 -6.67
N TYR A 311 -20.37 0.71 -5.89
CA TYR A 311 -20.60 1.35 -4.60
C TYR A 311 -20.03 2.77 -4.64
N PRO A 312 -20.71 3.70 -5.29
CA PRO A 312 -20.26 5.10 -5.24
C PRO A 312 -20.51 5.76 -3.89
N GLU A 313 -21.53 5.30 -3.16
CA GLU A 313 -21.81 5.85 -1.84
C GLU A 313 -20.71 5.51 -0.84
N GLN A 314 -20.11 4.33 -0.96
CA GLN A 314 -19.05 3.92 -0.07
C GLN A 314 -17.73 4.47 -0.59
N PRO A 315 -17.19 5.48 0.08
CA PRO A 315 -15.92 6.12 -0.29
C PRO A 315 -14.65 5.28 -0.16
N GLY A 316 -14.58 4.48 0.91
CA GLY A 316 -13.43 3.66 1.21
C GLY A 316 -13.49 2.18 0.87
N ARG A 317 -14.37 1.82 -0.06
CA ARG A 317 -14.56 0.43 -0.44
C ARG A 317 -13.31 -0.30 -1.01
N PHE A 318 -12.51 0.36 -1.84
CA PHE A 318 -11.35 -0.33 -2.39
C PHE A 318 -10.26 -0.52 -1.35
N ALA A 319 -10.06 0.48 -0.50
CA ALA A 319 -8.96 0.43 0.47
C ALA A 319 -9.20 -0.64 1.53
N LYS A 320 -10.31 -0.55 2.25
CA LYS A 320 -10.62 -1.56 3.26
C LYS A 320 -10.94 -2.99 2.84
N LEU A 321 -11.26 -3.21 1.56
CA LEU A 321 -11.23 -4.58 1.03
C LEU A 321 -9.82 -5.11 0.63
N LEU A 322 -8.93 -4.15 0.34
CA LEU A 322 -7.52 -4.48 0.12
C LEU A 322 -6.99 -4.88 1.49
N LEU A 323 -7.45 -4.19 2.55
CA LEU A 323 -6.92 -4.44 3.90
C LEU A 323 -7.10 -5.87 4.36
N ARG A 324 -7.92 -6.61 3.65
CA ARG A 324 -8.18 -7.98 3.97
C ARG A 324 -7.02 -8.91 3.68
N LEU A 325 -6.14 -8.53 2.78
CA LEU A 325 -5.02 -9.36 2.33
C LEU A 325 -3.96 -9.57 3.42
N PRO A 326 -3.54 -8.55 4.19
CA PRO A 326 -2.64 -8.81 5.32
C PRO A 326 -3.11 -9.90 6.27
N ALA A 327 -4.38 -9.83 6.72
CA ALA A 327 -4.90 -10.89 7.58
C ALA A 327 -4.93 -12.23 6.87
N LEU A 328 -5.18 -12.23 5.56
CA LEU A 328 -5.16 -13.48 4.80
C LEU A 328 -3.78 -14.12 4.80
N ARG A 329 -2.73 -13.31 4.61
CA ARG A 329 -1.37 -13.85 4.65
C ARG A 329 -1.00 -14.31 6.05
N SER A 330 -1.33 -13.51 7.07
CA SER A 330 -1.02 -13.90 8.44
C SER A 330 -1.66 -15.22 8.82
N ILE A 331 -2.93 -15.40 8.44
CA ILE A 331 -3.60 -16.67 8.72
C ILE A 331 -2.98 -17.80 7.89
N GLY A 332 -2.69 -17.53 6.62
CA GLY A 332 -2.13 -18.56 5.76
C GLY A 332 -0.77 -19.05 6.21
N LEU A 333 -0.02 -18.20 6.91
CA LEU A 333 1.29 -18.60 7.42
C LEU A 333 1.17 -19.70 8.48
N LYS A 334 0.55 -19.37 9.62
CA LYS A 334 0.39 -20.35 10.69
C LYS A 334 -0.46 -21.50 10.16
N CYS A 335 -1.41 -21.19 9.26
CA CYS A 335 -2.16 -22.25 8.60
C CYS A 335 -1.23 -23.27 7.94
N LEU A 336 -0.40 -22.79 7.02
CA LEU A 336 0.55 -23.66 6.33
C LEU A 336 1.55 -24.38 7.23
N GLU A 337 1.98 -23.73 8.32
CA GLU A 337 2.92 -24.39 9.23
C GLU A 337 2.25 -25.53 9.99
N HIS A 338 0.99 -25.35 10.40
CA HIS A 338 0.20 -26.46 10.91
C HIS A 338 0.26 -27.64 9.96
N LEU A 339 0.00 -27.39 8.67
CA LEU A 339 0.11 -28.47 7.69
C LEU A 339 1.53 -29.02 7.58
N PHE A 340 2.54 -28.18 7.84
CA PHE A 340 3.93 -28.63 7.75
C PHE A 340 4.25 -29.65 8.83
N PHE A 341 3.98 -29.32 10.11
CA PHE A 341 4.23 -30.29 11.17
C PHE A 341 3.33 -31.52 10.99
N PHE A 342 2.06 -31.31 10.66
CA PHE A 342 1.16 -32.42 10.38
C PHE A 342 1.75 -33.36 9.33
N LYS A 343 2.40 -32.80 8.31
CA LYS A 343 3.09 -33.64 7.32
C LYS A 343 4.27 -34.37 7.95
N LEU A 344 5.19 -33.63 8.56
CA LEU A 344 6.39 -34.29 9.03
C LEU A 344 6.15 -35.17 10.26
N ILE A 345 4.93 -35.38 10.76
CA ILE A 345 4.67 -36.41 11.75
C ILE A 345 4.01 -37.64 11.15
N GLY A 346 3.51 -37.57 9.93
CA GLY A 346 3.01 -38.74 9.22
C GLY A 346 1.70 -39.30 9.73
N ASP A 347 1.01 -38.60 10.63
CA ASP A 347 -0.25 -39.14 11.15
C ASP A 347 -1.41 -38.87 10.18
N THR A 348 -1.54 -37.64 9.73
CA THR A 348 -2.69 -37.27 8.90
C THR A 348 -2.54 -37.80 7.48
N PRO A 349 -3.48 -38.61 6.99
CA PRO A 349 -3.42 -39.03 5.58
C PRO A 349 -3.69 -37.88 4.63
N ILE A 350 -2.63 -37.35 4.04
CA ILE A 350 -2.70 -36.20 3.14
C ILE A 350 -2.72 -36.70 1.70
N ASP A 351 -3.66 -36.18 0.91
CA ASP A 351 -3.74 -36.54 -0.50
C ASP A 351 -2.47 -36.08 -1.22
N THR A 352 -2.15 -36.78 -2.31
CA THR A 352 -0.87 -36.58 -2.98
C THR A 352 -0.79 -35.19 -3.60
N PHE A 353 -1.84 -34.79 -4.33
CA PHE A 353 -1.84 -33.47 -4.96
C PHE A 353 -1.67 -32.36 -3.94
N LEU A 354 -2.31 -32.50 -2.77
CA LEU A 354 -2.05 -31.57 -1.68
C LEU A 354 -0.62 -31.71 -1.16
N MET A 355 -0.11 -32.95 -1.11
CA MET A 355 1.25 -33.17 -0.60
C MET A 355 2.29 -32.46 -1.46
N GLU A 356 2.00 -32.26 -2.74
CA GLU A 356 2.96 -31.59 -3.62
C GLU A 356 3.23 -30.16 -3.17
N MET A 357 2.16 -29.37 -3.02
CA MET A 357 2.32 -27.95 -2.72
C MET A 357 3.09 -27.73 -1.42
N LEU A 358 2.97 -28.66 -0.47
CA LEU A 358 3.69 -28.57 0.78
C LEU A 358 5.16 -28.94 0.63
N GLU A 359 5.52 -29.62 -0.46
CA GLU A 359 6.90 -30.06 -0.70
C GLU A 359 7.40 -29.36 -1.96
N ALA A 360 8.11 -28.25 -1.78
CA ALA A 360 8.67 -27.51 -2.89
C ALA A 360 9.97 -28.14 -3.38
N PRO B 29 17.43 37.29 -17.92
CA PRO B 29 17.24 35.94 -18.45
C PRO B 29 16.84 34.94 -17.37
N CYS B 30 16.18 33.85 -17.78
CA CYS B 30 15.82 32.75 -16.87
C CYS B 30 16.60 31.51 -17.30
N PHE B 31 17.41 30.98 -16.38
CA PHE B 31 18.27 29.86 -16.72
C PHE B 31 17.50 28.58 -17.04
N VAL B 32 16.20 28.54 -16.75
CA VAL B 32 15.40 27.35 -16.96
C VAL B 32 14.70 27.41 -18.31
N CYS B 33 13.92 28.46 -18.54
CA CYS B 33 13.10 28.57 -19.73
C CYS B 33 13.45 29.77 -20.61
N GLN B 34 14.59 30.42 -20.36
CA GLN B 34 15.09 31.52 -21.19
C GLN B 34 14.06 32.65 -21.32
N ASP B 35 13.48 33.02 -20.19
CA ASP B 35 12.45 34.06 -20.14
C ASP B 35 12.96 35.26 -19.34
N LYS B 36 12.18 36.33 -19.35
CA LYS B 36 12.52 37.52 -18.58
C LYS B 36 12.61 37.17 -17.10
N SER B 37 13.69 37.62 -16.46
CA SER B 37 13.88 37.37 -15.04
C SER B 37 13.03 38.33 -14.21
N SER B 38 12.89 37.98 -12.92
CA SER B 38 12.25 38.86 -11.95
C SER B 38 13.13 39.03 -10.72
N GLY B 39 14.42 38.74 -10.85
CA GLY B 39 15.35 38.69 -9.75
C GLY B 39 15.95 37.32 -9.58
N TYR B 40 16.88 37.23 -8.64
CA TYR B 40 17.54 35.96 -8.32
C TYR B 40 16.68 35.21 -7.31
N HIS B 41 16.07 34.11 -7.75
CA HIS B 41 15.20 33.31 -6.91
C HIS B 41 15.84 31.97 -6.61
N TYR B 42 15.93 31.63 -5.33
CA TYR B 42 16.39 30.32 -4.85
C TYR B 42 17.78 29.96 -5.34
N GLY B 43 18.60 30.95 -5.70
CA GLY B 43 19.99 30.73 -6.05
C GLY B 43 20.36 31.09 -7.47
N VAL B 44 19.39 31.22 -8.38
CA VAL B 44 19.66 31.55 -9.78
C VAL B 44 18.64 32.58 -10.26
N SER B 45 18.92 33.17 -11.40
CA SER B 45 17.98 34.08 -12.05
C SER B 45 16.82 33.28 -12.62
N ALA B 46 15.60 33.69 -12.28
CA ALA B 46 14.42 32.93 -12.67
C ALA B 46 13.24 33.86 -12.89
N CYS B 47 12.29 33.41 -13.71
CA CYS B 47 11.05 34.12 -13.92
C CYS B 47 10.06 33.77 -12.82
N GLU B 48 8.87 34.38 -12.88
CA GLU B 48 7.87 34.13 -11.85
C GLU B 48 7.25 32.75 -12.00
N GLY B 49 7.06 32.29 -13.24
CA GLY B 49 6.44 30.99 -13.46
C GLY B 49 7.28 29.85 -12.92
N CYS B 50 8.57 29.85 -13.25
CA CYS B 50 9.46 28.80 -12.75
C CYS B 50 9.67 28.93 -11.24
N LYS B 51 9.63 30.15 -10.71
CA LYS B 51 9.71 30.34 -9.26
C LYS B 51 8.54 29.67 -8.56
N GLY B 52 7.31 29.99 -9.00
CA GLY B 52 6.15 29.34 -8.44
C GLY B 52 6.14 27.83 -8.66
N PHE B 53 6.68 27.38 -9.79
CA PHE B 53 6.76 25.94 -10.05
C PHE B 53 7.68 25.26 -9.04
N PHE B 54 8.85 25.84 -8.80
CA PHE B 54 9.81 25.24 -7.87
C PHE B 54 9.30 25.29 -6.45
N ARG B 55 8.69 26.42 -6.05
CA ARG B 55 8.14 26.52 -4.70
C ARG B 55 7.01 25.52 -4.50
N ARG B 56 6.11 25.41 -5.47
CA ARG B 56 5.02 24.44 -5.38
C ARG B 56 5.54 23.01 -5.34
N SER B 57 6.63 22.75 -6.08
CA SER B 57 7.17 21.38 -6.12
C SER B 57 7.86 21.01 -4.82
N ILE B 58 8.62 21.94 -4.24
CA ILE B 58 9.37 21.63 -3.03
C ILE B 58 8.46 21.63 -1.80
N GLN B 59 7.54 22.59 -1.72
CA GLN B 59 6.64 22.65 -0.56
C GLN B 59 5.73 21.45 -0.43
N LYS B 60 5.24 20.93 -1.56
CA LYS B 60 4.32 19.79 -1.55
C LYS B 60 4.97 18.43 -1.83
N ASN B 61 6.30 18.40 -1.82
CA ASN B 61 7.05 17.16 -2.07
C ASN B 61 6.54 16.39 -3.27
N MET B 62 6.41 17.09 -4.40
CA MET B 62 5.82 16.51 -5.60
C MET B 62 6.76 15.48 -6.22
N ILE B 63 6.18 14.54 -6.97
CA ILE B 63 6.91 13.51 -7.68
C ILE B 63 6.41 13.50 -9.12
N TYR B 64 7.27 13.89 -10.05
CA TYR B 64 6.92 14.01 -11.45
C TYR B 64 7.49 12.83 -12.24
N THR B 65 6.75 12.43 -13.28
CA THR B 65 7.15 11.34 -14.15
C THR B 65 7.04 11.80 -15.60
N CYS B 66 8.14 11.71 -16.35
CA CYS B 66 8.17 12.11 -17.75
C CYS B 66 7.67 10.98 -18.63
N HIS B 67 6.90 11.35 -19.65
CA HIS B 67 6.36 10.40 -20.62
C HIS B 67 7.24 10.27 -21.85
N ARG B 68 8.42 10.89 -21.86
CA ARG B 68 9.33 10.77 -22.98
C ARG B 68 10.71 10.30 -22.50
N ASP B 69 11.76 10.80 -23.13
CA ASP B 69 13.12 10.43 -22.77
C ASP B 69 13.66 11.24 -21.59
N LYS B 70 12.82 12.06 -20.96
CA LYS B 70 13.23 12.99 -19.91
C LYS B 70 14.26 13.98 -20.46
N ASN B 71 14.40 14.01 -21.79
CA ASN B 71 15.24 14.94 -22.51
C ASN B 71 14.53 16.24 -22.87
N CYS B 72 13.20 16.27 -22.78
CA CYS B 72 12.37 17.39 -23.22
C CYS B 72 12.94 18.75 -22.82
N VAL B 73 13.43 19.50 -23.81
CA VAL B 73 14.01 20.81 -23.54
C VAL B 73 12.90 21.80 -23.18
N ILE B 74 13.17 22.65 -22.20
CA ILE B 74 12.21 23.62 -21.69
C ILE B 74 12.69 25.01 -22.07
N ASN B 75 11.80 25.79 -22.71
CA ASN B 75 12.12 27.17 -23.04
C ASN B 75 10.86 28.05 -23.02
N LYS B 76 10.80 29.04 -23.89
CA LYS B 76 9.70 30.00 -23.85
C LYS B 76 8.41 29.38 -24.39
N VAL B 77 8.51 28.54 -25.42
CA VAL B 77 7.32 28.01 -26.07
C VAL B 77 7.03 26.60 -25.58
N THR B 78 8.09 25.85 -25.26
CA THR B 78 7.96 24.48 -24.74
C THR B 78 8.17 24.55 -23.24
N ARG B 79 7.06 24.66 -22.53
CA ARG B 79 7.03 24.74 -21.08
C ARG B 79 6.14 23.58 -20.72
N ASN B 80 6.27 23.07 -19.50
CA ASN B 80 5.47 21.91 -19.14
C ASN B 80 5.93 20.80 -20.08
N ARG B 81 5.01 20.18 -20.81
CA ARG B 81 5.37 19.11 -21.72
C ARG B 81 5.70 17.99 -20.77
N CYS B 82 6.66 18.26 -19.88
CA CYS B 82 7.02 17.31 -18.85
C CYS B 82 7.44 18.08 -17.60
N GLN B 83 6.81 17.78 -16.47
CA GLN B 83 7.14 18.45 -15.23
C GLN B 83 8.48 17.97 -14.68
N TYR B 84 8.79 16.68 -14.86
CA TYR B 84 10.07 16.15 -14.41
C TYR B 84 11.23 16.78 -15.15
N CYS B 85 11.04 17.12 -16.43
CA CYS B 85 12.08 17.81 -17.18
C CYS B 85 12.28 19.23 -16.67
N ARG B 86 11.19 19.92 -16.34
CA ARG B 86 11.30 21.30 -15.86
C ARG B 86 11.96 21.36 -14.49
N LEU B 87 11.50 20.52 -13.55
CA LEU B 87 12.13 20.47 -12.24
C LEU B 87 13.59 20.02 -12.36
N GLN B 88 13.85 19.04 -13.23
CA GLN B 88 15.21 18.59 -13.45
C GLN B 88 16.10 19.72 -13.94
N LYS B 89 15.59 20.55 -14.87
CA LYS B 89 16.37 21.69 -15.32
C LYS B 89 16.54 22.72 -14.21
N CYS B 90 15.56 22.85 -13.33
CA CYS B 90 15.71 23.73 -12.17
C CYS B 90 16.86 23.27 -11.29
N PHE B 91 16.99 21.96 -11.09
CA PHE B 91 18.11 21.46 -10.30
C PHE B 91 19.41 21.44 -11.06
N GLU B 92 19.37 21.44 -12.40
CA GLU B 92 20.59 21.47 -13.19
C GLU B 92 21.18 22.87 -13.25
N VAL B 93 20.33 23.90 -13.31
CA VAL B 93 20.84 25.27 -13.28
C VAL B 93 21.28 25.68 -11.89
N GLY B 94 20.82 24.98 -10.85
CA GLY B 94 21.35 25.21 -9.52
C GLY B 94 20.38 25.87 -8.55
N MET B 95 19.10 25.55 -8.65
CA MET B 95 18.14 26.05 -7.69
C MET B 95 18.28 25.30 -6.38
N SER B 96 18.25 26.05 -5.27
CA SER B 96 18.48 25.47 -3.94
C SER B 96 17.16 24.94 -3.39
N LYS B 97 17.08 23.63 -3.21
CA LYS B 97 15.94 23.04 -2.52
C LYS B 97 15.89 23.48 -1.05
N GLU B 98 17.05 23.81 -0.47
CA GLU B 98 17.11 24.18 0.94
C GLU B 98 16.48 25.53 1.21
N SER B 99 16.53 26.45 0.25
CA SER B 99 16.07 27.81 0.49
C SER B 99 14.55 27.89 0.67
N VAL B 100 13.80 26.91 0.18
CA VAL B 100 12.36 26.94 0.32
C VAL B 100 11.97 26.66 1.76
N ARG B 101 11.05 27.45 2.30
CA ARG B 101 10.67 27.36 3.70
C ARG B 101 9.33 26.67 3.87
N THR B 123 -12.65 18.45 1.42
CA THR B 123 -11.23 18.33 1.08
C THR B 123 -10.35 18.71 2.28
N ALA B 124 -10.44 19.96 2.72
CA ALA B 124 -9.65 20.40 3.86
C ALA B 124 -10.05 19.67 5.14
N GLU B 125 -11.32 19.28 5.25
CA GLU B 125 -11.79 18.52 6.40
C GLU B 125 -10.95 17.26 6.61
N LEU B 126 -10.75 16.49 5.55
CA LEU B 126 -9.96 15.27 5.64
C LEU B 126 -8.46 15.52 5.58
N ASP B 127 -8.03 16.71 5.15
CA ASP B 127 -6.60 17.03 5.14
C ASP B 127 -6.09 17.51 6.49
N ASP B 128 -6.97 18.05 7.34
CA ASP B 128 -6.57 18.45 8.68
C ASP B 128 -5.86 17.32 9.43
N LEU B 129 -6.52 16.16 9.55
CA LEU B 129 -5.90 15.04 10.25
C LEU B 129 -4.62 14.57 9.55
N THR B 130 -4.54 14.77 8.23
CA THR B 130 -3.31 14.48 7.51
C THR B 130 -2.15 15.30 8.07
N GLU B 131 -2.33 16.62 8.13
CA GLU B 131 -1.28 17.46 8.68
C GLU B 131 -1.03 17.16 10.16
N LYS B 132 -2.08 16.81 10.91
CA LYS B 132 -1.91 16.46 12.31
C LYS B 132 -0.99 15.25 12.47
N ILE B 133 -1.25 14.19 11.71
CA ILE B 133 -0.42 12.99 11.81
C ILE B 133 0.97 13.24 11.29
N ARG B 134 1.11 14.11 10.28
CA ARG B 134 2.46 14.49 9.85
C ARG B 134 3.23 15.14 10.99
N LYS B 135 2.58 16.06 11.71
CA LYS B 135 3.21 16.67 12.87
C LYS B 135 3.59 15.64 13.92
N ALA B 136 2.65 14.73 14.23
CA ALA B 136 2.89 13.75 15.29
C ALA B 136 4.05 12.82 14.95
N HIS B 137 4.06 12.28 13.72
CA HIS B 137 5.10 11.36 13.33
C HIS B 137 6.45 12.06 13.18
N GLN B 138 6.46 13.31 12.70
CA GLN B 138 7.72 14.04 12.58
C GLN B 138 8.25 14.49 13.93
N GLU B 139 7.41 14.64 14.94
CA GLU B 139 7.86 15.01 16.27
C GLU B 139 8.12 13.81 17.19
N THR B 140 7.74 12.60 16.77
CA THR B 140 8.00 11.39 17.53
C THR B 140 9.02 10.49 16.85
N PHE B 141 9.62 10.94 15.75
CA PHE B 141 10.61 10.17 15.02
C PHE B 141 11.37 11.08 14.07
N PRO B 142 12.53 11.59 14.47
CA PRO B 142 13.28 12.51 13.58
C PRO B 142 13.73 11.81 12.31
N SER B 143 13.56 12.50 11.19
CA SER B 143 13.84 11.90 9.89
C SER B 143 15.35 11.73 9.68
N LEU B 144 15.69 10.85 8.75
CA LEU B 144 17.08 10.42 8.59
C LEU B 144 18.00 11.59 8.25
N CYS B 145 17.54 12.54 7.43
CA CYS B 145 18.37 13.64 6.97
C CYS B 145 18.47 14.80 7.96
N GLN B 146 18.08 14.58 9.21
CA GLN B 146 18.25 15.60 10.24
C GLN B 146 19.00 15.08 11.46
N LEU B 147 19.77 14.01 11.30
CA LEU B 147 20.55 13.43 12.38
C LEU B 147 22.03 13.45 12.00
N GLY B 148 22.85 14.07 12.85
CA GLY B 148 24.29 14.00 12.69
C GLY B 148 24.78 12.62 13.08
N LYS B 149 24.74 11.68 12.14
CA LYS B 149 24.97 10.28 12.48
C LYS B 149 26.45 10.00 12.70
N TYR B 150 26.71 8.93 13.46
CA TYR B 150 28.05 8.46 13.75
C TYR B 150 28.09 6.95 13.55
N THR B 151 29.23 6.33 13.85
CA THR B 151 29.44 4.91 13.64
C THR B 151 30.06 4.27 14.88
N THR B 152 30.21 2.95 14.83
CA THR B 152 30.95 2.19 15.83
C THR B 152 31.68 1.06 15.12
N ASN B 153 32.49 0.32 15.86
CA ASN B 153 33.30 -0.76 15.30
C ASN B 153 33.19 -2.05 16.11
N SER B 154 32.10 -2.23 16.83
CA SER B 154 31.91 -3.42 17.66
C SER B 154 31.31 -4.53 16.81
N SER B 155 32.11 -5.58 16.54
CA SER B 155 31.69 -6.72 15.74
C SER B 155 31.13 -6.26 14.38
N ALA B 156 31.98 -5.57 13.63
CA ALA B 156 31.55 -4.90 12.41
C ALA B 156 31.97 -5.60 11.13
N ASP B 157 32.77 -6.66 11.21
CA ASP B 157 33.25 -7.32 9.99
C ASP B 157 32.31 -8.43 9.55
N HIS B 158 32.40 -9.60 10.17
CA HIS B 158 31.53 -10.71 9.85
C HIS B 158 30.70 -11.09 11.07
N ARG B 159 29.65 -11.87 10.82
CA ARG B 159 28.57 -12.04 11.78
C ARG B 159 28.96 -12.97 12.92
N VAL B 160 28.42 -12.66 14.11
CA VAL B 160 28.49 -13.52 15.27
C VAL B 160 27.05 -13.73 15.76
N ARG B 161 26.90 -14.61 16.76
CA ARG B 161 25.57 -14.93 17.24
C ARG B 161 24.92 -13.75 17.96
N LEU B 162 25.71 -12.99 18.73
CA LEU B 162 25.19 -11.83 19.42
C LEU B 162 26.35 -11.08 20.04
N ASP B 163 26.28 -9.74 19.99
CA ASP B 163 27.22 -8.87 20.68
C ASP B 163 26.49 -8.23 21.86
N LEU B 164 27.06 -8.39 23.06
CA LEU B 164 26.36 -7.95 24.27
C LEU B 164 26.28 -6.44 24.35
N GLY B 165 27.34 -5.74 23.98
CA GLY B 165 27.30 -4.28 24.03
C GLY B 165 26.34 -3.59 23.08
N LEU B 166 26.37 -3.98 21.80
CA LEU B 166 25.38 -3.47 20.85
C LEU B 166 23.94 -3.90 21.17
N TRP B 167 23.81 -5.05 21.85
CA TRP B 167 22.51 -5.49 22.31
C TRP B 167 22.12 -4.55 23.44
N ASP B 168 23.10 -4.04 24.20
CA ASP B 168 22.79 -3.11 25.28
C ASP B 168 22.35 -1.76 24.72
N LYS B 169 23.20 -1.15 23.90
CA LYS B 169 22.85 0.14 23.30
C LYS B 169 21.59 0.02 22.45
N PHE B 170 21.47 -1.07 21.68
CA PHE B 170 20.27 -1.31 20.91
C PHE B 170 19.05 -1.52 21.81
N SER B 171 19.27 -2.02 23.03
CA SER B 171 18.14 -2.24 23.94
C SER B 171 17.61 -0.93 24.49
N GLU B 172 18.51 -0.04 24.93
CA GLU B 172 18.04 1.27 25.39
C GLU B 172 17.43 2.06 24.23
N LEU B 173 18.00 1.94 23.03
CA LEU B 173 17.41 2.59 21.86
C LEU B 173 16.01 2.04 21.58
N ALA B 174 15.84 0.72 21.71
CA ALA B 174 14.53 0.12 21.48
C ALA B 174 13.50 0.61 22.50
N THR B 175 13.88 0.64 23.77
CA THR B 175 12.98 1.16 24.79
C THR B 175 12.58 2.60 24.48
N LYS B 176 13.56 3.44 24.15
CA LYS B 176 13.28 4.82 23.76
C LYS B 176 12.26 4.89 22.64
N CYS B 177 12.53 4.17 21.54
CA CYS B 177 11.66 4.25 20.38
C CYS B 177 10.27 3.69 20.66
N ILE B 178 10.15 2.75 21.61
CA ILE B 178 8.83 2.28 22.01
C ILE B 178 8.08 3.37 22.76
N ILE B 179 8.76 4.06 23.67
CA ILE B 179 8.17 5.21 24.34
C ILE B 179 7.63 6.20 23.32
N LYS B 180 8.48 6.60 22.37
CA LYS B 180 8.03 7.54 21.35
C LYS B 180 6.97 6.95 20.43
N ILE B 181 6.88 5.62 20.33
CA ILE B 181 5.79 5.01 19.59
C ILE B 181 4.47 5.24 20.32
N VAL B 182 4.46 5.08 21.63
CA VAL B 182 3.24 5.37 22.38
C VAL B 182 2.93 6.86 22.32
N GLU B 183 3.95 7.71 22.30
CA GLU B 183 3.71 9.14 22.16
C GLU B 183 3.07 9.46 20.80
N PHE B 184 3.53 8.78 19.75
CA PHE B 184 2.91 8.94 18.44
C PHE B 184 1.47 8.43 18.45
N ALA B 185 1.22 7.37 19.24
CA ALA B 185 -0.14 6.85 19.35
C ALA B 185 -1.06 7.84 20.03
N LYS B 186 -0.57 8.51 21.08
CA LYS B 186 -1.40 9.47 21.82
C LYS B 186 -1.86 10.60 20.92
N ARG B 187 -0.94 11.20 20.17
CA ARG B 187 -1.26 12.37 19.36
C ARG B 187 -2.12 12.05 18.15
N LEU B 188 -2.52 10.80 17.94
CA LEU B 188 -3.44 10.49 16.87
C LEU B 188 -4.85 10.97 17.23
N PRO B 189 -5.63 11.42 16.24
CA PRO B 189 -6.97 11.93 16.53
C PRO B 189 -7.89 10.84 17.06
N GLY B 190 -8.31 10.99 18.31
CA GLY B 190 -9.26 10.09 18.90
C GLY B 190 -8.71 8.82 19.51
N PHE B 191 -7.38 8.68 19.58
CA PHE B 191 -6.80 7.49 20.18
C PHE B 191 -6.84 7.54 21.70
N THR B 192 -6.71 8.73 22.29
CA THR B 192 -6.76 8.85 23.74
C THR B 192 -8.14 8.48 24.28
N GLY B 193 -9.19 9.09 23.74
CA GLY B 193 -10.55 8.77 24.13
C GLY B 193 -10.96 7.40 23.68
N LEU B 194 -10.39 6.36 24.31
CA LEU B 194 -10.62 4.99 23.90
C LEU B 194 -10.44 4.09 25.10
N THR B 195 -10.91 2.85 24.97
CA THR B 195 -10.74 1.86 26.03
C THR B 195 -9.26 1.58 26.25
N ILE B 196 -8.82 1.69 27.51
CA ILE B 196 -7.41 1.49 27.84
C ILE B 196 -6.96 0.09 27.43
N ALA B 197 -7.79 -0.92 27.71
CA ALA B 197 -7.46 -2.27 27.30
C ALA B 197 -7.33 -2.40 25.78
N ASP B 198 -8.16 -1.66 25.04
CA ASP B 198 -8.08 -1.71 23.58
C ASP B 198 -6.91 -0.92 23.03
N GLN B 199 -6.54 0.19 23.69
CA GLN B 199 -5.31 0.88 23.31
C GLN B 199 -4.10 -0.01 23.52
N ILE B 200 -4.04 -0.66 24.68
CA ILE B 200 -2.97 -1.62 24.94
C ILE B 200 -3.00 -2.75 23.92
N THR B 201 -4.20 -3.15 23.49
CA THR B 201 -4.32 -4.18 22.46
C THR B 201 -3.69 -3.72 21.14
N LEU B 202 -4.07 -2.53 20.68
CA LEU B 202 -3.57 -2.04 19.40
C LEU B 202 -2.07 -1.81 19.44
N LEU B 203 -1.56 -1.23 20.53
CA LEU B 203 -0.12 -1.00 20.64
C LEU B 203 0.64 -2.31 20.72
N LYS B 204 0.15 -3.27 21.52
CA LYS B 204 0.77 -4.58 21.61
C LYS B 204 0.80 -5.27 20.25
N ALA B 205 -0.22 -5.04 19.42
CA ALA B 205 -0.29 -5.75 18.14
C ALA B 205 0.55 -5.06 17.06
N ALA B 206 0.66 -3.74 17.09
CA ALA B 206 1.27 -2.98 16.00
C ALA B 206 2.66 -2.45 16.33
N CYS B 207 3.16 -2.67 17.55
CA CYS B 207 4.44 -2.07 17.94
C CYS B 207 5.57 -2.51 17.03
N LEU B 208 5.65 -3.83 16.76
CA LEU B 208 6.74 -4.32 15.91
C LEU B 208 6.61 -3.80 14.48
N ASP B 209 5.39 -3.70 13.95
CA ASP B 209 5.22 -3.17 12.61
C ASP B 209 5.66 -1.71 12.53
N ILE B 210 5.31 -0.91 13.54
CA ILE B 210 5.80 0.47 13.59
C ILE B 210 7.32 0.49 13.64
N LEU B 211 7.92 -0.38 14.44
CA LEU B 211 9.37 -0.39 14.57
C LEU B 211 10.04 -0.74 13.24
N ILE B 212 9.54 -1.75 12.55
CA ILE B 212 10.15 -2.17 11.29
C ILE B 212 9.98 -1.09 10.22
N LEU B 213 8.79 -0.49 10.13
CA LEU B 213 8.58 0.56 9.14
C LEU B 213 9.48 1.76 9.40
N ARG B 214 9.51 2.22 10.66
CA ARG B 214 10.33 3.38 11.01
C ARG B 214 11.81 3.11 10.77
N ILE B 215 12.30 1.96 11.22
CA ILE B 215 13.71 1.66 11.06
C ILE B 215 14.06 1.41 9.60
N CYS B 216 13.08 1.02 8.78
CA CYS B 216 13.30 0.85 7.35
C CYS B 216 13.17 2.15 6.56
N THR B 217 12.61 3.19 7.16
CA THR B 217 12.69 4.53 6.59
C THR B 217 13.99 5.23 6.97
N ARG B 218 14.94 4.51 7.56
CA ARG B 218 16.24 5.06 7.93
C ARG B 218 17.38 4.37 7.19
N TYR B 219 17.05 3.69 6.09
CA TYR B 219 18.01 2.86 5.37
C TYR B 219 18.78 3.68 4.35
N THR B 220 20.07 3.37 4.21
CA THR B 220 20.93 4.02 3.21
C THR B 220 21.34 2.98 2.18
N PRO B 221 20.88 3.09 0.93
CA PRO B 221 21.20 2.04 -0.05
C PRO B 221 22.67 1.99 -0.44
N GLU B 222 23.32 3.15 -0.49
CA GLU B 222 24.71 3.18 -0.97
C GLU B 222 25.67 2.55 0.03
N GLN B 223 25.34 2.58 1.32
CA GLN B 223 26.17 1.99 2.35
C GLN B 223 25.59 0.73 2.96
N ASP B 224 24.33 0.39 2.64
CA ASP B 224 23.65 -0.76 3.23
C ASP B 224 23.63 -0.64 4.75
N THR B 225 23.17 0.50 5.24
CA THR B 225 23.20 0.82 6.66
C THR B 225 21.86 1.39 7.11
N MET B 226 21.55 1.18 8.39
CA MET B 226 20.38 1.77 9.02
C MET B 226 20.84 2.63 10.19
N THR B 227 20.08 3.69 10.46
CA THR B 227 20.44 4.67 11.47
C THR B 227 19.32 4.80 12.49
N PHE B 228 19.69 4.84 13.77
CA PHE B 228 18.73 4.87 14.86
C PHE B 228 18.43 6.32 15.25
N SER B 229 17.68 6.51 16.34
CA SER B 229 17.17 7.82 16.71
C SER B 229 18.22 8.73 17.32
N ASP B 230 19.41 8.22 17.64
CA ASP B 230 20.48 9.04 18.21
C ASP B 230 21.64 9.25 17.26
N GLY B 231 21.56 8.77 16.03
CA GLY B 231 22.64 8.88 15.07
C GLY B 231 23.47 7.63 14.91
N LEU B 232 23.24 6.61 15.73
CA LEU B 232 24.01 5.37 15.63
C LEU B 232 23.69 4.68 14.31
N THR B 233 24.69 4.57 13.45
CA THR B 233 24.54 3.94 12.13
C THR B 233 25.22 2.57 12.14
N LEU B 234 24.46 1.55 11.77
CA LEU B 234 24.95 0.18 11.73
C LEU B 234 24.84 -0.37 10.32
N ASN B 235 25.81 -1.19 9.93
CA ASN B 235 25.73 -1.91 8.67
C ASN B 235 24.95 -3.20 8.88
N ARG B 236 24.75 -3.95 7.79
CA ARG B 236 23.97 -5.18 7.87
C ARG B 236 24.58 -6.16 8.87
N THR B 237 25.90 -6.25 8.92
CA THR B 237 26.57 -7.18 9.83
C THR B 237 26.33 -6.77 11.28
N GLN B 238 26.49 -5.48 11.60
CA GLN B 238 26.24 -5.02 12.96
C GLN B 238 24.76 -5.13 13.32
N MET B 239 23.87 -4.93 12.36
CA MET B 239 22.45 -5.14 12.62
C MET B 239 22.18 -6.59 12.99
N HIS B 240 22.82 -7.53 12.28
CA HIS B 240 22.67 -8.95 12.63
C HIS B 240 23.23 -9.23 14.02
N ASN B 241 24.43 -8.74 14.30
CA ASN B 241 25.08 -9.04 15.58
C ASN B 241 24.37 -8.39 16.75
N ALA B 242 23.65 -7.30 16.50
CA ALA B 242 23.00 -6.57 17.59
C ALA B 242 21.79 -7.32 18.14
N GLY B 243 21.24 -8.28 17.40
CA GLY B 243 20.10 -9.04 17.89
C GLY B 243 18.97 -9.13 16.89
N PHE B 244 19.29 -8.99 15.61
CA PHE B 244 18.30 -9.19 14.55
C PHE B 244 18.32 -10.62 14.03
N GLY B 245 19.51 -11.14 13.74
CA GLY B 245 19.66 -12.50 13.28
C GLY B 245 18.92 -12.77 11.98
N PRO B 246 18.15 -13.85 11.96
CA PRO B 246 17.42 -14.22 10.72
C PRO B 246 16.48 -13.14 10.24
N LEU B 247 16.03 -12.24 11.12
CA LEU B 247 15.19 -11.13 10.67
C LEU B 247 15.92 -10.25 9.66
N THR B 248 17.21 -9.99 9.92
CA THR B 248 18.03 -9.06 9.15
C THR B 248 17.73 -9.11 7.66
N ASP B 249 18.05 -10.25 7.04
CA ASP B 249 17.92 -10.39 5.59
C ASP B 249 16.57 -9.92 5.09
N LEU B 250 15.50 -10.32 5.76
CA LEU B 250 14.17 -9.93 5.29
C LEU B 250 13.89 -8.47 5.58
N VAL B 251 14.28 -8.00 6.77
CA VAL B 251 14.05 -6.61 7.14
C VAL B 251 14.69 -5.68 6.12
N PHE B 252 16.00 -5.85 5.89
CA PHE B 252 16.68 -5.11 4.84
C PHE B 252 15.97 -5.29 3.50
N THR B 253 15.51 -6.50 3.20
CA THR B 253 14.72 -6.72 2.01
C THR B 253 13.56 -5.74 1.94
N PHE B 254 12.75 -5.70 3.00
CA PHE B 254 11.66 -4.74 3.10
C PHE B 254 12.16 -3.33 2.81
N ALA B 255 13.32 -2.96 3.35
CA ALA B 255 13.88 -1.63 3.11
C ALA B 255 14.00 -1.36 1.62
N ASN B 256 14.61 -2.29 0.88
CA ASN B 256 14.75 -2.09 -0.56
C ASN B 256 13.40 -2.01 -1.24
N GLN B 257 12.44 -2.81 -0.77
CA GLN B 257 11.11 -2.78 -1.34
C GLN B 257 10.39 -1.46 -1.06
N LEU B 258 10.88 -0.69 -0.10
CA LEU B 258 10.34 0.64 0.15
C LEU B 258 10.97 1.70 -0.74
N LEU B 259 12.07 1.40 -1.42
CA LEU B 259 12.76 2.44 -2.18
C LEU B 259 11.98 2.88 -3.41
N PRO B 260 11.42 1.99 -4.24
CA PRO B 260 10.66 2.47 -5.40
C PRO B 260 9.42 3.26 -5.03
N LEU B 261 8.88 3.08 -3.81
CA LEU B 261 7.63 3.73 -3.45
C LEU B 261 7.81 5.21 -3.18
N GLU B 262 9.01 5.65 -2.82
CA GLU B 262 9.31 7.07 -2.62
C GLU B 262 8.42 7.70 -1.56
N MET B 263 8.23 6.98 -0.45
CA MET B 263 7.39 7.48 0.62
C MET B 263 8.08 8.63 1.35
N ASP B 264 7.29 9.63 1.75
CA ASP B 264 7.75 10.74 2.54
C ASP B 264 7.30 10.56 4.00
N ASP B 265 7.53 11.59 4.81
CA ASP B 265 7.19 11.51 6.23
C ASP B 265 5.69 11.42 6.46
N THR B 266 4.90 12.10 5.63
CA THR B 266 3.45 12.07 5.80
C THR B 266 2.90 10.67 5.52
N GLU B 267 3.28 10.08 4.39
CA GLU B 267 2.78 8.75 4.06
C GLU B 267 3.23 7.72 5.08
N THR B 268 4.46 7.86 5.60
CA THR B 268 4.93 6.95 6.63
C THR B 268 4.14 7.12 7.93
N GLY B 269 3.79 8.36 8.28
CA GLY B 269 2.99 8.57 9.47
C GLY B 269 1.59 8.00 9.33
N LEU B 270 0.95 8.23 8.18
CA LEU B 270 -0.40 7.71 7.97
C LEU B 270 -0.40 6.18 7.94
N LEU B 271 0.58 5.59 7.25
CA LEU B 271 0.68 4.13 7.24
C LEU B 271 0.91 3.59 8.64
N SER B 272 1.74 4.28 9.43
CA SER B 272 1.93 3.89 10.82
C SER B 272 0.61 3.91 11.58
N ALA B 273 -0.19 4.97 11.39
CA ALA B 273 -1.47 5.06 12.08
C ALA B 273 -2.42 3.95 11.64
N ILE B 274 -2.38 3.60 10.34
CA ILE B 274 -3.26 2.55 9.84
C ILE B 274 -2.87 1.20 10.40
N CYS B 275 -1.56 0.95 10.51
CA CYS B 275 -1.12 -0.29 11.16
C CYS B 275 -1.51 -0.30 12.64
N LEU B 276 -1.50 0.86 13.29
CA LEU B 276 -1.92 0.94 14.68
C LEU B 276 -3.43 0.75 14.79
N ILE B 277 -4.20 1.63 14.16
CA ILE B 277 -5.66 1.56 14.20
C ILE B 277 -6.14 0.50 13.22
N CYS B 278 -6.31 -0.73 13.70
CA CYS B 278 -6.76 -1.84 12.87
C CYS B 278 -7.83 -2.61 13.62
N GLY B 279 -9.01 -2.74 13.00
CA GLY B 279 -10.14 -3.44 13.60
C GLY B 279 -10.06 -4.95 13.56
N ASP B 280 -8.96 -5.51 13.06
CA ASP B 280 -8.79 -6.95 12.96
C ASP B 280 -7.99 -7.53 14.12
N ARG B 281 -7.60 -6.71 15.08
CA ARG B 281 -6.82 -7.22 16.22
C ARG B 281 -7.73 -8.00 17.16
N GLN B 282 -7.21 -9.11 17.68
CA GLN B 282 -7.98 -9.95 18.58
C GLN B 282 -8.10 -9.30 19.96
N ASP B 283 -9.09 -9.77 20.72
CA ASP B 283 -9.35 -9.31 22.09
C ASP B 283 -9.69 -7.83 22.15
N LEU B 284 -10.39 -7.33 21.14
CA LEU B 284 -10.82 -5.93 21.10
C LEU B 284 -12.22 -5.82 21.70
N GLU B 285 -12.40 -4.84 22.59
CA GLU B 285 -13.71 -4.65 23.20
C GLU B 285 -14.63 -3.79 22.34
N GLU B 286 -14.07 -2.90 21.52
CA GLU B 286 -14.84 -2.01 20.66
C GLU B 286 -14.22 -1.99 19.28
N PRO B 287 -14.27 -3.10 18.54
CA PRO B 287 -13.55 -3.17 17.26
C PRO B 287 -14.19 -2.35 16.16
N THR B 288 -15.53 -2.27 16.14
CA THR B 288 -16.19 -1.51 15.09
C THR B 288 -15.79 -0.04 15.13
N LYS B 289 -15.65 0.53 16.32
CA LYS B 289 -15.22 1.92 16.42
C LYS B 289 -13.75 2.08 16.04
N VAL B 290 -12.96 1.01 16.17
CA VAL B 290 -11.59 1.05 15.68
C VAL B 290 -11.58 1.13 14.16
N ASP B 291 -12.39 0.27 13.51
CA ASP B 291 -12.49 0.30 12.05
C ASP B 291 -12.96 1.67 11.57
N LYS B 292 -14.03 2.19 12.19
CA LYS B 292 -14.53 3.51 11.85
C LYS B 292 -13.47 4.58 12.09
N LEU B 293 -12.63 4.40 13.10
CA LEU B 293 -11.56 5.36 13.35
C LEU B 293 -10.47 5.27 12.29
N GLN B 294 -10.29 4.10 11.66
CA GLN B 294 -9.23 3.94 10.67
C GLN B 294 -9.67 4.28 9.26
N GLU B 295 -10.97 4.29 8.96
CA GLU B 295 -11.43 4.67 7.62
C GLU B 295 -10.90 6.02 7.14
N PRO B 296 -11.04 7.14 7.88
CA PRO B 296 -10.54 8.41 7.36
C PRO B 296 -9.04 8.44 7.20
N LEU B 297 -8.30 7.63 7.96
CA LEU B 297 -6.86 7.53 7.74
C LEU B 297 -6.56 6.92 6.37
N LEU B 298 -7.30 5.86 6.00
CA LEU B 298 -7.15 5.28 4.68
C LEU B 298 -7.46 6.28 3.59
N GLU B 299 -8.63 6.94 3.69
CA GLU B 299 -9.03 7.87 2.64
C GLU B 299 -8.05 9.03 2.53
N ALA B 300 -7.59 9.57 3.67
CA ALA B 300 -6.63 10.66 3.65
C ALA B 300 -5.29 10.21 3.05
N LEU B 301 -4.89 8.96 3.33
CA LEU B 301 -3.67 8.44 2.74
C LEU B 301 -3.79 8.36 1.22
N LYS B 302 -4.94 7.92 0.72
CA LYS B 302 -5.14 7.87 -0.73
C LYS B 302 -5.11 9.28 -1.33
N ILE B 303 -5.88 10.20 -0.76
CA ILE B 303 -5.95 11.56 -1.29
C ILE B 303 -4.55 12.19 -1.32
N TYR B 304 -3.76 11.96 -0.27
CA TYR B 304 -2.42 12.51 -0.23
C TYR B 304 -1.53 11.88 -1.29
N ILE B 305 -1.53 10.54 -1.35
CA ILE B 305 -0.65 9.82 -2.27
C ILE B 305 -0.90 10.27 -3.70
N ARG B 306 -2.16 10.25 -4.13
CA ARG B 306 -2.46 10.70 -5.49
C ARG B 306 -2.32 12.20 -5.63
N LYS B 307 -2.33 12.95 -4.52
CA LYS B 307 -2.07 14.39 -4.60
C LYS B 307 -0.63 14.67 -4.96
N ARG B 308 0.29 13.83 -4.47
CA ARG B 308 1.71 14.00 -4.77
C ARG B 308 2.15 13.27 -6.03
N ARG B 309 1.29 12.47 -6.65
CA ARG B 309 1.67 11.68 -7.82
C ARG B 309 0.55 11.68 -8.85
N PRO B 310 0.56 12.63 -9.79
CA PRO B 310 -0.49 12.62 -10.82
C PRO B 310 -0.35 11.48 -11.80
N SER B 311 0.87 11.20 -12.26
CA SER B 311 1.10 10.22 -13.32
C SER B 311 1.21 8.80 -12.80
N LYS B 312 1.17 8.59 -11.48
CA LYS B 312 1.20 7.24 -10.89
C LYS B 312 0.01 7.07 -9.96
N PRO B 313 -1.21 6.97 -10.54
CA PRO B 313 -2.39 6.81 -9.68
C PRO B 313 -2.60 5.37 -9.24
N HIS B 314 -1.51 4.63 -9.07
CA HIS B 314 -1.58 3.22 -8.66
C HIS B 314 -0.70 2.94 -7.44
N MET B 315 -0.19 3.98 -6.78
CA MET B 315 0.74 3.78 -5.67
C MET B 315 0.05 3.59 -4.32
N PHE B 316 -1.19 4.06 -4.17
CA PHE B 316 -1.92 3.82 -2.93
C PHE B 316 -2.11 2.33 -2.64
N PRO B 317 -2.55 1.50 -3.58
CA PRO B 317 -2.66 0.06 -3.27
C PRO B 317 -1.33 -0.60 -2.97
N LYS B 318 -0.24 -0.12 -3.58
CA LYS B 318 1.07 -0.72 -3.34
C LYS B 318 1.59 -0.36 -1.95
N ILE B 319 1.65 0.94 -1.65
CA ILE B 319 2.08 1.40 -0.35
C ILE B 319 1.21 0.80 0.75
N LEU B 320 -0.10 0.68 0.50
CA LEU B 320 -0.97 0.02 1.46
C LEU B 320 -0.67 -1.48 1.56
N MET B 321 -0.27 -2.11 0.46
CA MET B 321 -0.03 -3.55 0.45
C MET B 321 1.35 -3.93 0.97
N LYS B 322 2.23 -2.96 1.27
CA LYS B 322 3.43 -3.28 2.02
C LYS B 322 3.11 -3.81 3.41
N ILE B 323 1.92 -3.49 3.93
CA ILE B 323 1.47 -4.06 5.20
C ILE B 323 1.45 -5.58 5.13
N THR B 324 1.13 -6.15 3.96
CA THR B 324 1.05 -7.60 3.83
C THR B 324 2.39 -8.26 4.15
N ASP B 325 3.50 -7.61 3.76
CA ASP B 325 4.81 -8.13 4.14
C ASP B 325 5.16 -7.78 5.58
N LEU B 326 4.79 -6.56 6.01
CA LEU B 326 5.07 -6.15 7.38
C LEU B 326 4.46 -7.12 8.39
N ARG B 327 3.30 -7.68 8.07
CA ARG B 327 2.65 -8.65 8.96
C ARG B 327 3.54 -9.85 9.22
N SER B 328 4.09 -10.43 8.15
CA SER B 328 4.94 -11.60 8.30
C SER B 328 6.25 -11.26 8.99
N ILE B 329 6.83 -10.11 8.64
CA ILE B 329 8.10 -9.71 9.26
C ILE B 329 7.94 -9.57 10.77
N SER B 330 6.97 -8.77 11.20
CA SER B 330 6.73 -8.63 12.64
C SER B 330 6.29 -9.95 13.26
N ALA B 331 5.58 -10.79 12.49
CA ALA B 331 5.11 -12.07 13.01
C ALA B 331 6.27 -12.99 13.36
N LYS B 332 7.35 -12.95 12.56
CA LYS B 332 8.51 -13.75 12.92
C LYS B 332 9.40 -13.04 13.93
N GLY B 333 9.38 -11.71 13.96
CA GLY B 333 10.17 -10.99 14.97
C GLY B 333 9.67 -11.22 16.37
N ALA B 334 8.34 -11.30 16.54
CA ALA B 334 7.77 -11.51 17.87
C ALA B 334 8.35 -12.74 18.55
N GLU B 335 8.53 -13.82 17.80
CA GLU B 335 9.19 -15.01 18.34
C GLU B 335 10.72 -14.91 18.27
N ARG B 336 11.26 -14.06 17.39
CA ARG B 336 12.67 -13.76 17.46
C ARG B 336 13.04 -13.21 18.83
N VAL B 337 12.11 -12.52 19.49
CA VAL B 337 12.34 -12.06 20.86
C VAL B 337 12.53 -13.24 21.80
N ILE B 338 11.65 -14.25 21.71
CA ILE B 338 11.80 -15.39 22.62
C ILE B 338 13.01 -16.22 22.27
N THR B 339 13.53 -16.11 21.04
CA THR B 339 14.84 -16.70 20.77
C THR B 339 15.96 -15.88 21.39
N LEU B 340 15.78 -14.56 21.48
CA LEU B 340 16.75 -13.72 22.19
C LEU B 340 16.65 -13.85 23.71
N LYS B 341 15.59 -14.48 24.22
CA LYS B 341 15.42 -14.58 25.67
C LYS B 341 16.60 -15.29 26.32
N MET B 342 17.01 -16.43 25.78
CA MET B 342 18.02 -17.27 26.41
C MET B 342 19.44 -16.85 26.07
N GLU B 343 19.66 -16.16 24.95
CA GLU B 343 21.01 -15.80 24.55
C GLU B 343 21.56 -14.61 25.33
N ILE B 344 20.72 -13.92 26.10
CA ILE B 344 21.20 -12.79 26.89
C ILE B 344 21.46 -13.29 28.32
N PRO B 345 22.58 -12.89 28.93
CA PRO B 345 22.84 -13.37 30.29
C PRO B 345 21.90 -12.78 31.33
N GLY B 346 21.63 -11.49 31.26
CA GLY B 346 20.74 -10.85 32.21
C GLY B 346 19.29 -11.15 31.93
N SER B 347 18.51 -10.11 31.62
CA SER B 347 17.10 -10.27 31.32
C SER B 347 16.69 -9.25 30.26
N MET B 348 15.49 -9.44 29.73
CA MET B 348 14.94 -8.54 28.73
C MET B 348 14.47 -7.26 29.41
N PRO B 349 14.75 -6.10 28.81
CA PRO B 349 14.28 -4.82 29.38
C PRO B 349 12.78 -4.81 29.55
N PRO B 350 12.25 -4.02 30.50
CA PRO B 350 10.82 -4.13 30.86
C PRO B 350 9.85 -3.83 29.73
N LEU B 351 9.99 -2.67 29.09
CA LEU B 351 9.02 -2.28 28.06
C LEU B 351 9.08 -3.19 26.84
N ILE B 352 10.26 -3.72 26.53
CA ILE B 352 10.42 -4.54 25.33
C ILE B 352 9.62 -5.83 25.50
N GLN B 353 9.81 -6.52 26.63
CA GLN B 353 9.07 -7.76 26.86
C GLN B 353 7.60 -7.49 27.18
N GLU B 354 7.32 -6.35 27.82
CA GLU B 354 5.93 -6.02 28.16
C GLU B 354 5.12 -5.65 26.93
N MET B 355 5.77 -5.13 25.89
CA MET B 355 5.08 -4.75 24.66
C MET B 355 5.19 -5.80 23.55
N LEU B 356 6.16 -6.72 23.65
CA LEU B 356 6.33 -7.75 22.64
C LEU B 356 5.84 -9.12 23.15
N GLU B 357 5.24 -9.17 24.33
CA GLU B 357 4.58 -10.37 24.85
C GLU B 357 3.72 -9.99 26.06
N HIS C 1 6.39 -33.39 -7.91
CA HIS C 1 6.66 -33.82 -9.27
C HIS C 1 6.09 -32.82 -10.27
N LYS C 2 5.31 -33.30 -11.23
CA LYS C 2 4.70 -32.45 -12.26
C LYS C 2 3.20 -32.69 -12.34
N ILE C 3 2.53 -32.78 -11.19
CA ILE C 3 1.10 -33.05 -11.19
C ILE C 3 0.34 -31.81 -11.66
N LEU C 4 0.68 -30.65 -11.12
CA LEU C 4 0.08 -29.40 -11.58
C LEU C 4 0.51 -29.11 -13.01
N HIS C 5 1.80 -29.29 -13.30
CA HIS C 5 2.32 -29.08 -14.65
C HIS C 5 1.56 -29.91 -15.67
N ARG C 6 1.21 -31.15 -15.31
CA ARG C 6 0.43 -32.00 -16.21
C ARG C 6 -1.07 -31.72 -16.16
N LEU C 7 -1.55 -31.09 -15.08
CA LEU C 7 -2.97 -30.73 -15.03
C LEU C 7 -3.25 -29.53 -15.92
N LEU C 8 -2.31 -28.59 -16.01
CA LEU C 8 -2.37 -27.52 -17.00
C LEU C 8 -1.86 -27.95 -18.36
N GLN C 9 -1.28 -29.15 -18.47
CA GLN C 9 -0.82 -29.65 -19.75
C GLN C 9 -1.95 -29.74 -20.76
N ASP C 10 -3.16 -30.02 -20.30
CA ASP C 10 -4.32 -30.11 -21.17
C ASP C 10 -5.58 -29.68 -20.43
N HIS D 1 1.00 -4.92 33.87
CA HIS D 1 1.31 -3.94 32.84
C HIS D 1 1.33 -2.53 33.42
N LYS D 2 2.27 -2.28 34.32
CA LYS D 2 2.37 -0.97 34.96
C LYS D 2 2.76 0.11 33.95
N ILE D 3 3.81 -0.14 33.17
CA ILE D 3 4.37 0.87 32.27
C ILE D 3 3.28 1.49 31.40
N LEU D 4 2.46 0.65 30.76
CA LEU D 4 1.42 1.14 29.87
C LEU D 4 0.44 2.05 30.61
N HIS D 5 -0.05 1.61 31.78
CA HIS D 5 -1.03 2.42 32.51
C HIS D 5 -0.42 3.74 32.96
N ARG D 6 0.73 3.71 33.63
CA ARG D 6 1.37 4.94 34.10
C ARG D 6 1.60 5.90 32.94
N LEU D 7 1.96 5.36 31.77
CA LEU D 7 2.21 6.18 30.61
C LEU D 7 0.91 6.80 30.08
N LEU D 8 -0.17 6.04 30.07
CA LEU D 8 -1.43 6.56 29.53
C LEU D 8 -2.07 7.57 30.48
N GLN D 9 -1.99 7.33 31.78
CA GLN D 9 -2.59 8.23 32.77
C GLN D 9 -1.54 8.81 33.72
#